data_3A1G
#
_entry.id   3A1G
#
_cell.length_a   60.701
_cell.length_b   69.987
_cell.length_c   61.348
_cell.angle_alpha   90.00
_cell.angle_beta   97.94
_cell.angle_gamma   90.00
#
_symmetry.space_group_name_H-M   'C 1 2 1'
#
loop_
_entity.id
_entity.type
_entity.pdbx_description
1 polymer 'RNA-directed RNA polymerase catalytic subunit'
2 polymer 'Polymerase basic protein 2'
3 water water
#
loop_
_entity_poly.entity_id
_entity_poly.type
_entity_poly.pdbx_seq_one_letter_code
_entity_poly.pdbx_strand_id
1 'polypeptide(L)'
;SQRGVLEDEQ(MSE)YQRCCNLFEKFFPSSSYRRPVGISS(MSE)VEA(MSE)VSRARIDARIDFESGRIKKEEFTEI
(MSE)KICSTIEELRRQK
;
A,C
2 'polypeptide(L)' GGS(MSE)ERIKELRNL(MSE)SQSRTREILTKTTVDH(MSE)AIIKKYTSG B,D
#
# COMPACT_ATOMS: atom_id res chain seq x y z
N ASP A 8 1.90 26.37 4.26
CA ASP A 8 1.11 25.78 5.37
C ASP A 8 1.41 24.26 5.46
N GLU A 9 0.51 23.40 5.00
CA GLU A 9 0.96 22.04 4.66
C GLU A 9 0.41 21.37 3.42
N GLN A 10 1.39 20.97 2.62
CA GLN A 10 1.13 20.32 1.36
C GLN A 10 0.65 18.89 1.63
N TYR A 12 -1.50 18.00 4.18
CA TYR A 12 -2.95 18.23 4.30
C TYR A 12 -3.56 18.49 2.91
N GLN A 13 -2.85 19.24 2.05
CA GLN A 13 -3.36 19.51 0.71
C GLN A 13 -3.40 18.23 -0.14
N ARG A 14 -2.41 17.37 0.02
CA ARG A 14 -2.43 16.08 -0.67
C ARG A 14 -3.64 15.23 -0.24
N CYS A 15 -3.90 15.21 1.06
CA CYS A 15 -5.06 14.45 1.53
C CYS A 15 -6.34 15.08 1.00
N CYS A 16 -6.40 16.41 1.02
CA CYS A 16 -7.65 17.09 0.62
C CYS A 16 -7.92 16.93 -0.84
N ASN A 17 -6.85 17.00 -1.62
CA ASN A 17 -6.90 16.79 -3.04
C ASN A 17 -7.40 15.41 -3.42
N LEU A 18 -6.92 14.41 -2.68
CA LEU A 18 -7.38 13.02 -2.89
C LEU A 18 -8.86 12.85 -2.55
N PHE A 19 -9.26 13.41 -1.43
CA PHE A 19 -10.65 13.39 -1.04
C PHE A 19 -11.63 13.84 -2.12
N GLU A 20 -11.26 14.91 -2.83
CA GLU A 20 -12.03 15.44 -3.94
C GLU A 20 -12.16 14.49 -5.14
N LYS A 21 -11.28 13.49 -5.26
CA LYS A 21 -11.41 12.43 -6.24
C LYS A 21 -12.51 11.43 -5.88
N PHE A 22 -12.84 11.34 -4.59
CA PHE A 22 -13.99 10.50 -4.17
C PHE A 22 -15.28 11.27 -4.01
N PHE A 23 -15.16 12.56 -3.66
CA PHE A 23 -16.31 13.41 -3.47
C PHE A 23 -16.15 14.73 -4.26
N PRO A 24 -16.30 14.67 -5.60
CA PRO A 24 -16.06 15.79 -6.50
C PRO A 24 -16.75 17.11 -6.17
N SER A 25 -16.24 18.16 -6.80
CA SER A 25 -16.80 19.50 -6.78
C SER A 25 -18.11 19.60 -7.59
N SER A 26 -18.39 18.58 -8.40
CA SER A 26 -19.76 18.26 -8.80
C SER A 26 -20.46 17.93 -7.47
N SER A 27 -20.40 18.92 -6.59
CA SER A 27 -20.32 18.79 -5.13
C SER A 27 -21.27 17.89 -4.34
N TYR A 28 -22.57 17.91 -4.69
CA TYR A 28 -23.62 17.45 -3.77
C TYR A 28 -24.06 15.98 -3.85
N ARG A 29 -23.11 15.06 -3.70
CA ARG A 29 -23.42 13.67 -3.35
C ARG A 29 -22.64 13.42 -2.07
N ARG A 30 -22.81 14.35 -1.13
CA ARG A 30 -21.95 14.58 0.04
C ARG A 30 -21.56 13.38 0.93
N PRO A 31 -20.35 13.42 1.51
CA PRO A 31 -19.92 12.45 2.51
C PRO A 31 -20.53 12.77 3.87
N VAL A 32 -20.56 11.79 4.77
CA VAL A 32 -20.97 12.08 6.15
C VAL A 32 -19.92 12.89 6.96
N GLY A 33 -20.34 14.07 7.41
CA GLY A 33 -19.49 15.00 8.12
C GLY A 33 -18.75 14.39 9.30
N ILE A 34 -19.38 13.50 10.03
CA ILE A 34 -18.74 12.95 11.21
C ILE A 34 -17.80 11.74 10.97
N SER A 35 -17.76 11.24 9.75
CA SER A 35 -16.83 10.17 9.36
C SER A 35 -15.42 10.73 9.23
N SER A 36 -14.43 9.91 9.58
CA SER A 36 -13.05 10.17 9.21
C SER A 36 -12.95 10.24 7.67
N VAL A 38 -10.73 8.83 5.67
CA VAL A 38 -10.47 7.50 5.10
C VAL A 38 -11.76 6.64 5.15
N GLU A 39 -12.52 6.72 6.24
CA GLU A 39 -13.76 5.96 6.22
C GLU A 39 -14.76 6.34 5.12
N ALA A 40 -14.91 7.65 4.87
CA ALA A 40 -15.72 8.18 3.79
C ALA A 40 -15.24 7.71 2.44
N VAL A 42 -13.25 5.15 1.67
CA VAL A 42 -13.38 3.72 1.43
C VAL A 42 -14.84 3.32 1.17
N SER A 43 -15.76 3.88 1.95
CA SER A 43 -17.18 3.63 1.70
C SER A 43 -17.59 4.00 0.29
N ARG A 44 -17.24 5.20 -0.13
CA ARG A 44 -17.50 5.64 -1.51
C ARG A 44 -16.84 4.76 -2.62
N ALA A 45 -15.58 4.36 -2.39
CA ALA A 45 -14.85 3.50 -3.31
C ALA A 45 -15.59 2.21 -3.55
N ARG A 46 -16.10 1.63 -2.45
CA ARG A 46 -16.84 0.35 -2.56
C ARG A 46 -18.15 0.50 -3.32
N ILE A 47 -18.93 1.52 -2.99
CA ILE A 47 -20.23 1.74 -3.65
C ILE A 47 -19.97 1.97 -5.17
N ASP A 48 -18.98 2.80 -5.50
CA ASP A 48 -18.69 3.11 -6.90
C ASP A 48 -18.17 1.89 -7.65
N ALA A 49 -17.32 1.09 -7.02
CA ALA A 49 -16.78 -0.07 -7.69
C ALA A 49 -17.87 -1.09 -8.04
N ARG A 50 -18.84 -1.32 -7.14
CA ARG A 50 -19.91 -2.26 -7.50
C ARG A 50 -20.76 -1.75 -8.67
N ILE A 51 -21.08 -0.47 -8.65
CA ILE A 51 -21.98 0.15 -9.66
C ILE A 51 -21.19 0.16 -10.98
N ASP A 52 -19.92 0.50 -10.88
CA ASP A 52 -19.11 0.64 -12.10
C ASP A 52 -18.80 -0.69 -12.75
N PHE A 53 -18.64 -1.74 -11.93
CA PHE A 53 -18.42 -3.09 -12.41
C PHE A 53 -19.72 -3.59 -13.08
N GLU A 54 -20.84 -3.41 -12.37
CA GLU A 54 -22.18 -3.69 -12.94
C GLU A 54 -22.37 -3.02 -14.33
N SER A 55 -21.89 -1.79 -14.46
CA SER A 55 -22.19 -0.95 -15.65
C SER A 55 -21.21 -1.17 -16.80
N GLY A 56 -20.14 -1.91 -16.52
CA GLY A 56 -19.11 -2.24 -17.51
C GLY A 56 -17.95 -1.26 -17.60
N ARG A 57 -17.97 -0.20 -16.79
CA ARG A 57 -16.93 0.85 -16.77
C ARG A 57 -15.58 0.32 -16.24
N ILE A 58 -15.63 -0.67 -15.36
CA ILE A 58 -14.41 -1.36 -14.93
C ILE A 58 -14.55 -2.84 -15.12
N LYS A 59 -13.43 -3.55 -15.23
CA LYS A 59 -13.45 -4.95 -15.54
C LYS A 59 -13.31 -5.69 -14.23
N LYS A 60 -13.55 -7.00 -14.26
CA LYS A 60 -13.53 -7.86 -13.03
C LYS A 60 -12.19 -7.74 -12.31
N GLU A 61 -11.09 -7.69 -13.06
CA GLU A 61 -9.76 -7.58 -12.44
C GLU A 61 -9.57 -6.27 -11.67
N GLU A 62 -10.11 -5.19 -12.22
CA GLU A 62 -10.08 -3.88 -11.59
C GLU A 62 -10.97 -3.88 -10.35
N PHE A 63 -12.19 -4.41 -10.49
CA PHE A 63 -13.12 -4.49 -9.35
C PHE A 63 -12.47 -5.28 -8.19
N THR A 64 -12.01 -6.49 -8.47
CA THR A 64 -11.37 -7.27 -7.39
C THR A 64 -10.20 -6.53 -6.71
N GLU A 65 -9.35 -5.90 -7.50
CA GLU A 65 -8.20 -5.20 -6.92
C GLU A 65 -8.61 -3.99 -6.07
N ILE A 66 -9.63 -3.24 -6.53
CA ILE A 66 -10.18 -2.17 -5.75
C ILE A 66 -10.75 -2.65 -4.39
N LYS A 68 -10.07 -5.35 -2.74
CA LYS A 68 -8.96 -5.91 -1.92
C LYS A 68 -8.17 -4.74 -1.30
N ILE A 69 -7.87 -3.71 -2.12
CA ILE A 69 -7.18 -2.51 -1.59
C ILE A 69 -8.03 -1.85 -0.47
N CYS A 70 -9.32 -1.70 -0.70
CA CYS A 70 -10.20 -1.17 0.36
C CYS A 70 -10.13 -1.96 1.64
N SER A 71 -10.12 -3.29 1.53
CA SER A 71 -10.10 -4.08 2.75
C SER A 71 -8.72 -3.89 3.39
N THR A 72 -7.67 -3.68 2.60
CA THR A 72 -6.33 -3.46 3.18
C THR A 72 -6.32 -2.13 3.94
N ILE A 73 -6.87 -1.11 3.32
CA ILE A 73 -6.93 0.21 3.86
C ILE A 73 -7.71 0.18 5.18
N GLU A 74 -8.83 -0.57 5.18
CA GLU A 74 -9.66 -0.74 6.37
C GLU A 74 -8.89 -1.42 7.51
N GLU A 75 -8.06 -2.39 7.16
CA GLU A 75 -7.12 -2.98 8.11
C GLU A 75 -6.16 -1.92 8.69
N LEU A 76 -5.57 -1.09 7.85
CA LEU A 76 -4.66 -0.01 8.30
C LEU A 76 -5.36 1.13 9.06
N ARG A 77 -6.69 1.22 9.02
CA ARG A 77 -7.42 2.25 9.80
C ARG A 77 -7.56 1.81 11.25
N ARG A 78 -8.02 0.56 11.40
CA ARG A 78 -8.34 -0.03 12.69
C ARG A 78 -7.14 -0.07 13.63
N GLN A 79 -5.94 -0.05 13.06
CA GLN A 79 -4.71 0.08 13.85
C GLN A 79 -3.98 1.42 13.60
N LYS A 80 -4.76 2.50 13.52
CA LYS A 80 -4.28 3.90 13.51
C LYS A 80 -3.94 4.44 12.13
N GLY B 1 -7.48 3.24 -14.76
CA GLY B 1 -8.32 4.45 -14.82
C GLY B 1 -8.42 5.17 -13.49
N GLY B 2 -9.40 6.06 -13.39
CA GLY B 2 -9.54 6.90 -12.20
C GLY B 2 -9.83 6.15 -10.91
N SER B 3 -10.63 5.09 -11.01
CA SER B 3 -11.00 4.29 -9.82
C SER B 3 -9.75 3.64 -9.25
N GLU B 5 -6.50 4.74 -9.95
CA GLU B 5 -5.58 5.79 -9.51
C GLU B 5 -5.88 6.20 -8.09
N ARG B 6 -7.15 6.49 -7.85
CA ARG B 6 -7.51 7.11 -6.57
C ARG B 6 -7.36 6.12 -5.40
N ILE B 7 -7.67 4.84 -5.63
CA ILE B 7 -7.53 3.86 -4.53
C ILE B 7 -6.08 3.57 -4.23
N LYS B 8 -5.27 3.50 -5.30
CA LYS B 8 -3.79 3.32 -5.13
C LYS B 8 -3.18 4.51 -4.37
N GLU B 9 -3.59 5.73 -4.71
CA GLU B 9 -3.12 6.92 -3.99
C GLU B 9 -3.51 6.87 -2.47
N LEU B 10 -4.77 6.52 -2.18
CA LEU B 10 -5.21 6.37 -0.80
C LEU B 10 -4.37 5.29 -0.11
N ARG B 11 -4.17 4.16 -0.78
CA ARG B 11 -3.32 3.12 -0.18
C ARG B 11 -1.91 3.66 0.08
N ASN B 12 -1.39 4.44 -0.85
CA ASN B 12 -0.05 4.99 -0.66
C ASN B 12 0.04 6.00 0.49
N LEU B 13 -0.98 6.83 0.63
CA LEU B 13 -1.08 7.76 1.78
C LEU B 13 -1.24 7.06 3.13
N SER B 15 0.19 4.36 3.85
CA SER B 15 1.47 3.66 4.07
C SER B 15 2.53 4.50 4.76
N GLN B 16 2.28 5.80 4.94
CA GLN B 16 3.21 6.66 5.68
C GLN B 16 2.52 7.26 6.90
N SER B 17 3.20 7.27 8.03
CA SER B 17 2.54 7.59 9.29
C SER B 17 1.83 8.96 9.31
N ARG B 18 2.45 10.03 8.81
CA ARG B 18 1.86 11.40 8.94
C ARG B 18 0.54 11.47 8.19
N THR B 19 0.55 11.05 6.92
CA THR B 19 -0.70 11.04 6.14
C THR B 19 -1.76 10.05 6.67
N ARG B 20 -1.32 8.88 7.14
CA ARG B 20 -2.24 7.92 7.73
C ARG B 20 -2.96 8.58 8.93
N GLU B 21 -2.20 9.27 9.78
CA GLU B 21 -2.76 9.99 10.91
C GLU B 21 -3.81 11.01 10.49
N ILE B 22 -3.47 11.87 9.52
CA ILE B 22 -4.37 12.90 9.03
C ILE B 22 -5.67 12.22 8.59
N LEU B 23 -5.54 11.14 7.79
CA LEU B 23 -6.72 10.57 7.16
C LEU B 23 -7.63 9.79 8.12
N THR B 24 -7.05 9.19 9.15
CA THR B 24 -7.79 8.38 10.11
C THR B 24 -8.44 9.20 11.20
N LYS B 25 -7.78 10.31 11.56
CA LYS B 25 -8.19 11.13 12.70
C LYS B 25 -9.11 12.28 12.34
N THR B 26 -8.91 12.84 11.17
CA THR B 26 -9.62 14.04 10.76
C THR B 26 -11.04 13.72 10.21
N THR B 27 -12.04 14.38 10.75
CA THR B 27 -13.38 14.13 10.28
C THR B 27 -13.63 14.97 9.06
N VAL B 28 -14.59 14.54 8.26
CA VAL B 28 -14.97 15.23 7.04
C VAL B 28 -15.38 16.66 7.34
N ASP B 29 -16.17 16.80 8.41
CA ASP B 29 -16.64 18.13 8.85
C ASP B 29 -15.56 19.11 9.12
N HIS B 30 -14.46 18.64 9.69
CA HIS B 30 -13.39 19.52 10.07
C HIS B 30 -12.55 19.99 8.83
N ALA B 32 -13.30 21.62 5.72
CA ALA B 32 -13.42 23.00 5.34
C ALA B 32 -12.68 23.80 6.37
N ILE B 33 -12.82 23.41 7.66
CA ILE B 33 -12.23 24.18 8.77
C ILE B 33 -10.70 24.30 8.60
N ILE B 34 -10.04 23.16 8.56
CA ILE B 34 -8.58 23.10 8.32
C ILE B 34 -8.22 23.75 6.99
N LYS B 35 -8.95 23.38 5.93
CA LYS B 35 -8.70 23.96 4.61
C LYS B 35 -8.78 25.50 4.59
N LYS B 36 -9.72 26.09 5.35
CA LYS B 36 -9.85 27.54 5.38
C LYS B 36 -8.54 28.23 5.79
N TYR B 37 -7.83 27.60 6.73
CA TYR B 37 -6.60 28.16 7.26
C TYR B 37 -5.35 27.47 6.72
N THR B 38 -5.55 26.81 5.59
CA THR B 38 -4.44 26.36 4.75
C THR B 38 -4.33 27.24 3.53
N ASP C 8 -2.26 -19.50 -12.24
CA ASP C 8 -1.98 -18.86 -10.90
C ASP C 8 -0.72 -19.41 -10.20
N GLU C 9 0.09 -20.08 -11.01
CA GLU C 9 1.53 -20.18 -10.84
C GLU C 9 2.11 -18.79 -11.06
N GLN C 10 1.31 -17.92 -11.68
CA GLN C 10 1.71 -16.56 -12.00
C GLN C 10 1.63 -15.60 -10.80
N TYR C 12 2.27 -16.80 -7.74
CA TYR C 12 3.52 -17.29 -7.15
C TYR C 12 4.73 -16.73 -7.89
N GLN C 13 4.65 -16.68 -9.21
CA GLN C 13 5.75 -16.23 -10.05
C GLN C 13 6.07 -14.76 -9.82
N ARG C 14 5.01 -13.97 -9.59
CA ARG C 14 5.10 -12.55 -9.26
C ARG C 14 5.90 -12.31 -7.97
N CYS C 15 5.60 -13.12 -6.97
CA CYS C 15 6.27 -13.10 -5.68
C CYS C 15 7.75 -13.44 -5.82
N CYS C 16 8.08 -14.47 -6.60
CA CYS C 16 9.49 -14.85 -6.86
C CYS C 16 10.34 -13.80 -7.55
N ASN C 17 9.80 -13.23 -8.63
CA ASN C 17 10.45 -12.16 -9.34
C ASN C 17 10.72 -11.00 -8.39
N LEU C 18 9.79 -10.73 -7.49
CA LEU C 18 9.98 -9.58 -6.58
C LEU C 18 11.04 -9.91 -5.55
N PHE C 19 10.95 -11.11 -5.01
CA PHE C 19 12.00 -11.62 -4.12
C PHE C 19 13.40 -11.46 -4.69
N GLU C 20 13.58 -11.74 -5.98
CA GLU C 20 14.89 -11.60 -6.62
C GLU C 20 15.40 -10.18 -6.68
N LYS C 21 14.50 -9.21 -6.54
CA LYS C 21 14.93 -7.83 -6.43
C LYS C 21 15.51 -7.54 -5.04
N PHE C 22 15.13 -8.34 -4.05
CA PHE C 22 15.72 -8.25 -2.69
C PHE C 22 16.92 -9.13 -2.51
N PHE C 23 16.96 -10.24 -3.26
CA PHE C 23 18.06 -11.21 -3.13
C PHE C 23 18.52 -11.66 -4.51
N PRO C 24 19.22 -10.75 -5.22
CA PRO C 24 19.65 -11.06 -6.58
C PRO C 24 20.82 -12.03 -6.55
N SER C 25 21.07 -12.67 -7.69
CA SER C 25 22.18 -13.62 -7.81
C SER C 25 23.51 -12.89 -7.65
N SER C 26 23.51 -11.62 -7.98
CA SER C 26 24.70 -10.77 -7.86
C SER C 26 25.07 -10.43 -6.40
N SER C 27 24.28 -10.94 -5.45
CA SER C 27 24.53 -10.67 -4.03
C SER C 27 24.91 -11.93 -3.25
N TYR C 28 25.82 -11.76 -2.30
CA TYR C 28 26.25 -12.84 -1.40
C TYR C 28 25.46 -12.77 -0.10
N ARG C 29 24.81 -11.64 0.13
CA ARG C 29 23.83 -11.53 1.23
C ARG C 29 22.63 -12.39 0.88
N ARG C 30 22.59 -13.60 1.43
CA ARG C 30 21.50 -14.53 1.16
C ARG C 30 20.45 -14.54 2.29
N PRO C 31 19.18 -14.82 1.94
CA PRO C 31 18.03 -14.81 2.85
C PRO C 31 18.06 -15.94 3.86
N VAL C 32 17.51 -15.76 5.06
CA VAL C 32 17.45 -16.89 5.98
C VAL C 32 16.32 -17.81 5.57
N GLY C 33 16.65 -19.10 5.48
CA GLY C 33 15.73 -20.13 5.03
C GLY C 33 14.42 -20.28 5.80
N ILE C 34 14.44 -20.12 7.12
CA ILE C 34 13.21 -20.32 7.90
C ILE C 34 12.28 -19.09 7.92
N SER C 35 12.79 -17.97 7.47
CA SER C 35 12.03 -16.73 7.37
C SER C 35 10.96 -16.82 6.28
N SER C 36 9.78 -16.25 6.56
CA SER C 36 8.80 -16.01 5.50
C SER C 36 9.39 -15.10 4.46
N VAL C 38 8.15 -12.51 3.08
CA VAL C 38 7.96 -11.10 3.47
C VAL C 38 8.93 -10.67 4.54
N GLU C 39 9.10 -11.46 5.59
CA GLU C 39 10.03 -11.04 6.65
C GLU C 39 11.48 -10.87 6.11
N ALA C 40 11.92 -11.80 5.26
CA ALA C 40 13.22 -11.68 4.58
C ALA C 40 13.39 -10.39 3.78
N VAL C 42 11.56 -7.57 3.90
CA VAL C 42 11.54 -6.34 4.70
C VAL C 42 12.88 -6.18 5.46
N SER C 43 13.39 -7.26 6.03
CA SER C 43 14.66 -7.20 6.77
C SER C 43 15.79 -6.69 5.86
N ARG C 44 15.90 -7.27 4.66
CA ARG C 44 16.81 -6.81 3.62
C ARG C 44 16.59 -5.35 3.20
N ALA C 45 15.34 -4.92 2.97
CA ALA C 45 15.13 -3.53 2.53
C ALA C 45 15.60 -2.55 3.60
N ARG C 46 15.34 -2.88 4.86
CA ARG C 46 15.78 -2.02 6.00
C ARG C 46 17.30 -1.93 6.12
N ILE C 47 17.97 -3.08 6.07
CA ILE C 47 19.46 -3.11 6.04
C ILE C 47 20.01 -2.24 4.89
N ASP C 48 19.50 -2.49 3.69
CA ASP C 48 19.90 -1.74 2.50
C ASP C 48 19.60 -0.26 2.60
N ALA C 49 18.43 0.11 3.11
CA ALA C 49 18.08 1.53 3.20
C ALA C 49 19.05 2.27 4.10
N ARG C 50 19.38 1.67 5.25
CA ARG C 50 20.33 2.26 6.18
C ARG C 50 21.69 2.50 5.53
N ILE C 51 22.16 1.49 4.81
CA ILE C 51 23.50 1.59 4.23
C ILE C 51 23.49 2.61 3.11
N ASP C 52 22.40 2.65 2.33
CA ASP C 52 22.33 3.55 1.18
C ASP C 52 22.19 5.00 1.64
N PHE C 53 21.51 5.19 2.78
CA PHE C 53 21.36 6.53 3.34
C PHE C 53 22.73 6.99 3.85
N GLU C 54 23.41 6.10 4.54
CA GLU C 54 24.73 6.38 5.12
C GLU C 54 25.71 6.74 4.00
N SER C 55 25.61 6.06 2.87
CA SER C 55 26.56 6.28 1.77
C SER C 55 26.21 7.52 0.95
N GLY C 56 24.97 7.96 1.02
CA GLY C 56 24.53 9.05 0.17
C GLY C 56 23.85 8.57 -1.09
N ARG C 57 23.74 7.25 -1.25
CA ARG C 57 23.06 6.66 -2.41
C ARG C 57 21.57 7.02 -2.45
N ILE C 58 20.96 7.18 -1.28
CA ILE C 58 19.60 7.67 -1.18
C ILE C 58 19.51 8.89 -0.27
N LYS C 59 18.50 9.72 -0.52
CA LYS C 59 18.30 10.98 0.18
C LYS C 59 17.42 10.75 1.44
N LYS C 60 17.38 11.71 2.37
CA LYS C 60 16.65 11.51 3.64
C LYS C 60 15.18 11.23 3.40
N GLU C 61 14.57 11.95 2.46
CA GLU C 61 13.15 11.77 2.16
C GLU C 61 12.89 10.36 1.64
N GLU C 62 13.78 9.85 0.78
CA GLU C 62 13.69 8.47 0.29
C GLU C 62 13.85 7.40 1.39
N PHE C 63 14.86 7.57 2.23
CA PHE C 63 15.08 6.75 3.41
C PHE C 63 13.81 6.67 4.22
N THR C 64 13.28 7.84 4.61
CA THR C 64 12.05 7.88 5.44
C THR C 64 10.87 7.16 4.79
N GLU C 65 10.69 7.34 3.48
CA GLU C 65 9.59 6.70 2.76
C GLU C 65 9.76 5.20 2.75
N ILE C 66 10.98 4.73 2.46
CA ILE C 66 11.25 3.29 2.51
C ILE C 66 10.97 2.70 3.92
N LYS C 68 9.02 3.84 6.35
CA LYS C 68 7.56 3.90 6.64
C LYS C 68 6.83 2.79 5.90
N ILE C 69 7.19 2.56 4.63
CA ILE C 69 6.56 1.46 3.89
C ILE C 69 6.89 0.10 4.56
N CYS C 70 8.12 -0.10 5.04
CA CYS C 70 8.51 -1.38 5.65
C CYS C 70 7.66 -1.56 6.88
N SER C 71 7.49 -0.45 7.59
CA SER C 71 6.68 -0.48 8.83
C SER C 71 5.24 -0.87 8.51
N THR C 72 4.73 -0.37 7.41
CA THR C 72 3.34 -0.71 7.02
C THR C 72 3.25 -2.18 6.62
N ILE C 73 4.24 -2.68 5.90
CA ILE C 73 4.21 -4.05 5.47
C ILE C 73 4.31 -4.97 6.67
N GLU C 74 5.12 -4.58 7.64
CA GLU C 74 5.23 -5.37 8.87
C GLU C 74 3.90 -5.46 9.58
N GLU C 75 3.16 -4.35 9.65
CA GLU C 75 1.83 -4.33 10.24
C GLU C 75 0.85 -5.25 9.48
N LEU C 76 0.97 -5.25 8.15
CA LEU C 76 0.15 -6.12 7.29
C LEU C 76 0.43 -7.60 7.48
N ARG C 77 1.66 -7.96 7.82
CA ARG C 77 2.04 -9.35 8.06
C ARG C 77 1.27 -9.95 9.22
N ARG C 78 1.48 -9.33 10.38
CA ARG C 78 1.18 -9.87 11.71
C ARG C 78 -0.28 -9.85 12.05
N GLN C 79 -1.04 -9.06 11.29
CA GLN C 79 -2.43 -8.78 11.58
C GLN C 79 -3.33 -9.92 11.10
N LYS C 80 -4.56 -9.92 11.61
CA LYS C 80 -5.55 -11.01 11.44
C LYS C 80 -5.34 -12.15 12.43
N GLY D 1 13.97 4.82 -8.54
CA GLY D 1 15.14 4.12 -7.93
C GLY D 1 14.73 2.70 -7.62
N GLY D 2 15.69 1.79 -7.71
CA GLY D 2 15.40 0.37 -7.51
C GLY D 2 14.89 0.04 -6.11
N SER D 3 15.42 0.74 -5.10
CA SER D 3 15.08 0.54 -3.68
C SER D 3 13.63 0.87 -3.43
N GLU D 5 11.29 1.27 -5.91
CA GLU D 5 10.36 0.50 -6.74
C GLU D 5 10.04 -0.87 -6.13
N ARG D 6 11.05 -1.56 -5.62
CA ARG D 6 10.82 -2.87 -5.05
C ARG D 6 9.96 -2.80 -3.79
N ILE D 7 10.20 -1.80 -2.93
CA ILE D 7 9.41 -1.73 -1.65
C ILE D 7 7.95 -1.38 -1.92
N LYS D 8 7.74 -0.51 -2.90
CA LYS D 8 6.36 -0.20 -3.31
C LYS D 8 5.65 -1.35 -4.01
N GLU D 9 6.39 -2.10 -4.83
CA GLU D 9 5.88 -3.36 -5.36
C GLU D 9 5.52 -4.36 -4.22
N LEU D 10 6.39 -4.51 -3.18
CA LEU D 10 6.01 -5.35 -2.05
C LEU D 10 4.76 -4.81 -1.38
N ARG D 11 4.67 -3.49 -1.22
CA ARG D 11 3.48 -2.90 -0.57
C ARG D 11 2.26 -3.28 -1.39
N ASN D 12 2.38 -3.17 -2.72
CA ASN D 12 1.26 -3.52 -3.63
C ASN D 12 0.87 -5.00 -3.52
N LEU D 13 1.84 -5.88 -3.43
CA LEU D 13 1.55 -7.30 -3.22
C LEU D 13 0.89 -7.65 -1.88
N SER D 15 -1.19 -5.87 -0.42
CA SER D 15 -2.50 -5.20 -0.45
C SER D 15 -3.60 -6.07 -1.00
N GLN D 16 -3.22 -7.22 -1.57
CA GLN D 16 -4.13 -8.16 -2.25
C GLN D 16 -3.99 -9.49 -1.49
N SER D 17 -5.10 -10.06 -1.04
CA SER D 17 -5.08 -11.12 -0.03
C SER D 17 -4.32 -12.38 -0.47
N ARG D 18 -4.38 -12.74 -1.76
CA ARG D 18 -3.77 -13.98 -2.23
C ARG D 18 -2.27 -13.87 -2.12
N THR D 19 -1.72 -12.82 -2.71
CA THR D 19 -0.27 -12.66 -2.74
C THR D 19 0.27 -12.34 -1.36
N ARG D 20 -0.53 -11.65 -0.54
CA ARG D 20 -0.21 -11.46 0.88
C ARG D 20 -0.11 -12.82 1.62
N GLU D 21 -1.10 -13.69 1.42
CA GLU D 21 -1.08 -15.06 1.94
C GLU D 21 0.21 -15.77 1.52
N ILE D 22 0.54 -15.78 0.23
CA ILE D 22 1.79 -16.40 -0.27
C ILE D 22 3.03 -15.84 0.45
N LEU D 23 3.16 -14.50 0.43
CA LEU D 23 4.37 -13.87 0.94
C LEU D 23 4.53 -14.06 2.44
N THR D 24 3.43 -14.13 3.17
CA THR D 24 3.49 -14.24 4.61
C THR D 24 3.68 -15.67 5.08
N LYS D 25 3.13 -16.62 4.35
CA LYS D 25 3.16 -18.01 4.83
C LYS D 25 4.28 -18.86 4.27
N THR D 26 4.79 -18.49 3.09
CA THR D 26 5.80 -19.28 2.42
C THR D 26 7.19 -18.96 2.91
N THR D 27 7.92 -19.98 3.37
CA THR D 27 9.26 -19.71 3.86
C THR D 27 10.23 -19.66 2.69
N VAL D 28 11.38 -19.02 2.88
CA VAL D 28 12.35 -18.92 1.80
C VAL D 28 12.77 -20.33 1.38
N ASP D 29 12.99 -21.22 2.35
CA ASP D 29 13.36 -22.60 2.01
C ASP D 29 12.39 -23.27 1.06
N HIS D 30 11.11 -23.04 1.26
CA HIS D 30 10.13 -23.74 0.47
C HIS D 30 10.04 -23.20 -0.98
N ALA D 32 12.62 -22.85 -3.50
CA ALA D 32 13.23 -23.76 -4.45
C ALA D 32 12.18 -24.81 -4.74
N ILE D 33 11.68 -25.40 -3.66
CA ILE D 33 10.67 -26.47 -3.69
C ILE D 33 9.47 -26.13 -4.56
N ILE D 34 8.63 -25.19 -4.13
CA ILE D 34 7.43 -24.83 -4.91
C ILE D 34 7.81 -24.42 -6.32
N LYS D 35 8.89 -23.66 -6.44
CA LYS D 35 9.31 -23.12 -7.73
C LYS D 35 9.81 -24.24 -8.69
N LYS D 36 10.30 -25.36 -8.18
CA LYS D 36 10.62 -26.51 -9.06
C LYS D 36 9.41 -27.05 -9.83
N TYR D 37 8.24 -27.08 -9.19
CA TYR D 37 7.05 -27.65 -9.80
C TYR D 37 6.06 -26.57 -10.25
N THR D 38 6.63 -25.41 -10.58
CA THR D 38 5.90 -24.29 -11.17
C THR D 38 6.09 -24.35 -12.67
#